data_6SLD
#
_entry.id   6SLD
#
_cell.length_a   48.220
_cell.length_b   70.810
_cell.length_c   90.190
_cell.angle_alpha   90.000
_cell.angle_beta   90.000
_cell.angle_gamma   90.000
#
_symmetry.space_group_name_H-M   'P 21 21 21'
#
loop_
_entity.id
_entity.type
_entity.pdbx_description
1 polymer 'CRAL-TRIO domain-containing protein YKL091C'
2 non-polymer '(1R)-2-{[(S)-hydroxy{[(1S,2R,3R,4S,5S,6R)-2,3,4,5,6-pentahydroxycyclohexyl]oxy}phosphoryl]oxy}-1-[(octadecanoyloxy)methyl]ethyl (9Z)-octadec-9-enoate'
3 water water
#
_entity_poly.entity_id   1
_entity_poly.type   'polypeptide(L)'
_entity_poly.pdbx_seq_one_letter_code
;SILDTYPQICSPNALPGTPGNLTKEQEEALLQFRSILLEKNYKERLDDSTLLRFLRARKFDINASVEMFVETERWREEYG
ANTIIEDYENNKEAEDKERIKLAKMYPQYYHHVDKDGRPLYFEELGGINLKKMYKITTEKQMLRNLVKEYELFATYRVPA
CSRRAGYLIETICIVLDLKGISLSNAYHVLSYIKDVADISQNYYPERMGKFYIIHSPFGFSTMFKMVKPFLDPVTVSKIF
ILGSSYKKELLKQIPIENLPVKYGGTSVLHNPNDKFYYSDIGPWRDPRYIGPEGEIPNIFGKFTVTS
;
_entity_poly.pdbx_strand_id   A
#
# COMPACT_ATOMS: atom_id res chain seq x y z
N SER A 1 -3.80 21.27 9.85
CA SER A 1 -2.89 20.14 9.83
C SER A 1 -2.29 19.98 8.43
N ILE A 2 -1.38 19.02 8.30
CA ILE A 2 -0.81 18.71 6.99
C ILE A 2 -1.89 18.46 5.96
N LEU A 3 -3.04 17.93 6.37
CA LEU A 3 -4.09 17.62 5.40
C LEU A 3 -4.59 18.86 4.67
N ASP A 4 -4.46 20.03 5.28
CA ASP A 4 -4.88 21.24 4.60
C ASP A 4 -3.99 21.57 3.42
N THR A 5 -2.83 20.90 3.29
CA THR A 5 -1.83 21.29 2.31
C THR A 5 -1.78 20.40 1.08
N TYR A 6 -2.71 19.46 0.93
CA TYR A 6 -2.85 18.72 -0.32
C TYR A 6 -4.33 18.51 -0.57
N PRO A 7 -4.71 18.17 -1.80
CA PRO A 7 -6.14 18.07 -2.12
C PRO A 7 -6.82 17.01 -1.29
N GLN A 8 -8.05 17.32 -0.83
CA GLN A 8 -8.83 16.38 -0.03
C GLN A 8 -10.12 15.98 -0.72
N ILE A 9 -10.25 16.27 -2.00
CA ILE A 9 -11.37 15.79 -2.80
C ILE A 9 -10.80 14.95 -3.94
N CYS A 10 -11.46 13.84 -4.21
CA CYS A 10 -11.03 12.96 -5.28
C CYS A 10 -11.43 13.52 -6.63
N SER A 11 -10.81 12.96 -7.66
CA SER A 11 -11.19 13.26 -9.02
C SER A 11 -12.69 13.04 -9.18
N PRO A 12 -13.39 13.82 -10.00
CA PRO A 12 -14.77 13.45 -10.35
C PRO A 12 -14.87 12.11 -11.05
N ASN A 13 -13.77 11.58 -11.57
CA ASN A 13 -13.78 10.32 -12.29
C ASN A 13 -13.62 9.12 -11.37
N ALA A 14 -13.68 9.32 -10.06
CA ALA A 14 -13.43 8.26 -9.10
C ALA A 14 -14.70 7.47 -8.76
N LEU A 15 -14.55 6.51 -7.87
CA LEU A 15 -15.63 5.61 -7.53
C LEU A 15 -16.66 6.27 -6.61
N PRO A 16 -17.87 5.72 -6.56
CA PRO A 16 -18.86 6.25 -5.63
C PRO A 16 -18.41 6.19 -4.16
N GLY A 17 -18.86 7.17 -3.38
CA GLY A 17 -18.58 7.20 -1.96
C GLY A 17 -17.22 7.76 -1.60
N THR A 18 -16.51 8.33 -2.55
CA THR A 18 -15.24 8.96 -2.33
C THR A 18 -15.38 10.45 -2.09
N PRO A 19 -14.42 11.06 -1.41
CA PRO A 19 -14.51 12.50 -1.09
C PRO A 19 -14.78 13.34 -2.34
N GLY A 20 -15.76 14.24 -2.22
CA GLY A 20 -16.19 15.05 -3.31
C GLY A 20 -17.23 14.41 -4.21
N ASN A 21 -17.46 13.10 -4.09
CA ASN A 21 -18.33 12.38 -5.02
C ASN A 21 -19.55 11.76 -4.34
N LEU A 22 -19.95 12.27 -3.20
CA LEU A 22 -20.97 11.65 -2.38
C LEU A 22 -22.37 11.99 -2.86
N THR A 23 -23.29 11.07 -2.61
CA THR A 23 -24.70 11.37 -2.67
C THR A 23 -25.11 12.16 -1.43
N LYS A 24 -26.32 12.69 -1.44
CA LYS A 24 -26.81 13.43 -0.28
C LYS A 24 -26.86 12.52 0.95
N GLU A 25 -27.35 11.29 0.79
CA GLU A 25 -27.42 10.40 1.94
C GLU A 25 -26.04 10.05 2.45
N GLN A 26 -25.07 9.91 1.55
CA GLN A 26 -23.70 9.62 1.98
C GLN A 26 -23.09 10.81 2.71
N GLU A 27 -23.35 12.02 2.22
CA GLU A 27 -22.91 13.22 2.95
C GLU A 27 -23.49 13.26 4.35
N GLU A 28 -24.78 12.96 4.48
CA GLU A 28 -25.43 12.97 5.78
C GLU A 28 -24.82 11.90 6.67
N ALA A 29 -24.54 10.72 6.12
CA ALA A 29 -23.92 9.67 6.92
C ALA A 29 -22.54 10.08 7.40
N LEU A 30 -21.76 10.73 6.54
CA LEU A 30 -20.43 11.17 6.96
C LEU A 30 -20.52 12.15 8.12
N LEU A 31 -21.41 13.13 8.03
CA LEU A 31 -21.60 14.10 9.11
C LEU A 31 -22.03 13.40 10.39
N GLN A 32 -22.93 12.42 10.28
CA GLN A 32 -23.36 11.71 11.48
C GLN A 32 -22.22 10.89 12.08
N PHE A 33 -21.46 10.20 11.23
CA PHE A 33 -20.34 9.38 11.67
C PHE A 33 -19.33 10.23 12.41
N ARG A 34 -18.90 11.34 11.81
CA ARG A 34 -17.96 12.23 12.48
C ARG A 34 -18.52 12.71 13.80
N SER A 35 -19.80 13.11 13.83
CA SER A 35 -20.40 13.59 15.07
C SER A 35 -20.31 12.53 16.17
N ILE A 36 -20.60 11.29 15.83
CA ILE A 36 -20.52 10.20 16.82
C ILE A 36 -19.11 10.05 17.34
N LEU A 37 -18.12 10.06 16.45
CA LEU A 37 -16.74 9.86 16.88
C LEU A 37 -16.24 11.01 17.75
N LEU A 38 -16.59 12.25 17.40
CA LEU A 38 -16.22 13.39 18.23
C LEU A 38 -16.84 13.27 19.62
N GLU A 39 -18.08 12.82 19.68
CA GLU A 39 -18.75 12.65 20.96
C GLU A 39 -18.14 11.53 21.79
N LYS A 40 -17.45 10.59 21.16
CA LYS A 40 -16.72 9.54 21.84
C LYS A 40 -15.27 9.95 22.13
N ASN A 41 -14.95 11.23 21.98
CA ASN A 41 -13.65 11.83 22.37
C ASN A 41 -12.54 11.58 21.35
N TYR A 42 -12.85 11.12 20.15
CA TYR A 42 -11.82 11.03 19.12
C TYR A 42 -11.55 12.40 18.54
N LYS A 43 -10.28 12.67 18.24
CA LYS A 43 -9.90 13.95 17.65
C LYS A 43 -9.09 13.77 16.38
N GLU A 44 -8.31 12.71 16.27
CA GLU A 44 -7.42 12.48 15.14
C GLU A 44 -8.10 11.59 14.11
N ARG A 45 -7.63 11.71 12.88
CA ARG A 45 -8.04 10.83 11.80
C ARG A 45 -9.54 10.92 11.53
N LEU A 46 -10.08 12.12 11.67
CA LEU A 46 -11.50 12.40 11.42
C LEU A 46 -11.71 13.17 10.12
N ASP A 47 -10.69 13.24 9.29
CA ASP A 47 -10.83 13.91 8.01
C ASP A 47 -11.74 13.10 7.08
N ASP A 48 -12.26 13.78 6.05
CA ASP A 48 -13.18 13.17 5.11
C ASP A 48 -12.61 11.87 4.52
N SER A 49 -11.36 11.91 4.06
CA SER A 49 -10.78 10.73 3.41
C SER A 49 -10.79 9.54 4.35
N THR A 50 -10.26 9.72 5.56
CA THR A 50 -10.22 8.59 6.48
C THR A 50 -11.62 8.08 6.76
N LEU A 51 -12.53 8.97 7.14
CA LEU A 51 -13.83 8.49 7.55
C LEU A 51 -14.58 7.82 6.41
N LEU A 52 -14.44 8.33 5.20
CA LEU A 52 -15.14 7.70 4.08
C LEU A 52 -14.51 6.38 3.70
N ARG A 53 -13.22 6.17 3.98
CA ARG A 53 -12.66 4.83 3.82
C ARG A 53 -13.36 3.83 4.74
N PHE A 54 -13.56 4.21 6.01
CA PHE A 54 -14.28 3.34 6.94
C PHE A 54 -15.73 3.15 6.53
N LEU A 55 -16.41 4.21 6.09
CA LEU A 55 -17.80 4.07 5.68
C LEU A 55 -17.90 3.18 4.46
N ARG A 56 -17.04 3.36 3.47
CA ARG A 56 -17.11 2.49 2.30
C ARG A 56 -16.86 1.04 2.69
N ALA A 57 -15.91 0.81 3.61
CA ALA A 57 -15.59 -0.55 4.03
C ALA A 57 -16.79 -1.24 4.68
N ARG A 58 -17.75 -0.50 5.21
CA ARG A 58 -18.94 -1.08 5.83
C ARG A 58 -20.21 -0.67 5.10
N LYS A 59 -20.09 -0.25 3.84
CA LYS A 59 -21.25 0.07 3.00
C LYS A 59 -22.16 1.10 3.66
N PHE A 60 -21.56 2.07 4.34
CA PHE A 60 -22.26 3.20 4.92
C PHE A 60 -23.17 2.80 6.08
N ASP A 61 -22.95 1.63 6.67
CA ASP A 61 -23.56 1.23 7.94
C ASP A 61 -22.79 1.96 9.04
N ILE A 62 -23.42 3.00 9.60
CA ILE A 62 -22.69 3.91 10.46
C ILE A 62 -22.20 3.19 11.71
N ASN A 63 -23.06 2.40 12.35
CA ASN A 63 -22.65 1.75 13.58
C ASN A 63 -21.53 0.75 13.34
N ALA A 64 -21.58 0.04 12.21
CA ALA A 64 -20.49 -0.87 11.89
C ALA A 64 -19.19 -0.11 11.62
N SER A 65 -19.29 1.06 11.02
CA SER A 65 -18.13 1.88 10.73
C SER A 65 -17.54 2.44 12.02
N VAL A 66 -18.39 2.81 12.99
CA VAL A 66 -17.91 3.24 14.29
C VAL A 66 -17.13 2.13 14.96
N GLU A 67 -17.70 0.91 14.97
CA GLU A 67 -16.97 -0.20 15.57
C GLU A 67 -15.63 -0.39 14.90
N MET A 68 -15.59 -0.37 13.57
CA MET A 68 -14.34 -0.59 12.88
C MET A 68 -13.31 0.48 13.23
N PHE A 69 -13.76 1.74 13.30
CA PHE A 69 -12.87 2.85 13.60
C PHE A 69 -12.35 2.76 15.04
N VAL A 70 -13.26 2.51 16.00
CA VAL A 70 -12.87 2.35 17.40
C VAL A 70 -11.83 1.26 17.54
N GLU A 71 -12.03 0.12 16.88
CA GLU A 71 -11.06 -0.97 16.97
C GLU A 71 -9.74 -0.60 16.33
N THR A 72 -9.77 0.14 15.22
CA THR A 72 -8.53 0.58 14.60
C THR A 72 -7.75 1.53 15.50
N GLU A 73 -8.42 2.50 16.13
CA GLU A 73 -7.70 3.43 16.98
C GLU A 73 -7.01 2.72 18.11
N ARG A 74 -7.67 1.74 18.69
CA ARG A 74 -7.00 1.03 19.77
C ARG A 74 -5.86 0.16 19.25
N TRP A 75 -6.06 -0.50 18.09
CA TRP A 75 -4.98 -1.28 17.51
C TRP A 75 -3.76 -0.41 17.23
N ARG A 76 -3.97 0.79 16.68
CA ARG A 76 -2.84 1.66 16.37
C ARG A 76 -2.04 1.96 17.62
N GLU A 77 -2.72 2.14 18.77
CA GLU A 77 -2.02 2.39 20.01
C GLU A 77 -1.31 1.13 20.50
N GLU A 78 -2.02 0.00 20.50
CA GLU A 78 -1.47 -1.24 21.03
C GLU A 78 -0.27 -1.75 20.22
N TYR A 79 -0.31 -1.59 18.91
CA TYR A 79 0.74 -2.08 18.05
C TYR A 79 1.90 -1.10 17.94
N GLY A 80 1.66 0.18 18.24
CA GLY A 80 2.67 1.18 18.04
C GLY A 80 2.65 1.83 16.68
N ALA A 81 1.55 1.73 15.94
CA ALA A 81 1.53 2.31 14.60
C ALA A 81 1.61 3.83 14.64
N ASN A 82 1.13 4.46 15.71
CA ASN A 82 1.14 5.92 15.79
C ASN A 82 2.55 6.49 15.92
N THR A 83 3.52 5.69 16.33
CA THR A 83 4.90 6.17 16.49
C THR A 83 5.88 5.36 15.66
N ILE A 84 5.41 4.54 14.72
CA ILE A 84 6.31 3.62 14.03
C ILE A 84 7.33 4.37 13.19
N ILE A 85 6.95 5.48 12.55
CA ILE A 85 7.93 6.23 11.77
C ILE A 85 8.97 6.88 12.66
N GLU A 86 8.51 7.52 13.75
CA GLU A 86 9.45 8.17 14.66
C GLU A 86 10.39 7.15 15.30
N ASP A 87 9.86 5.98 15.68
CA ASP A 87 10.69 4.97 16.31
C ASP A 87 11.74 4.46 15.34
N TYR A 88 11.35 4.28 14.09
CA TYR A 88 12.29 3.89 13.06
C TYR A 88 13.40 4.93 12.90
N GLU A 89 13.03 6.19 12.77
CA GLU A 89 14.04 7.23 12.62
C GLU A 89 14.98 7.33 13.82
N ASN A 90 14.48 7.02 15.02
CA ASN A 90 15.34 7.07 16.19
C ASN A 90 16.32 5.90 16.25
N ASN A 91 16.17 4.90 15.40
CA ASN A 91 17.11 3.79 15.32
C ASN A 91 17.40 3.48 13.87
N LYS A 92 17.57 4.52 13.06
CA LYS A 92 17.52 4.34 11.61
C LYS A 92 18.68 3.50 11.12
N GLU A 93 19.89 3.74 11.60
CA GLU A 93 21.05 3.03 11.06
C GLU A 93 20.94 1.53 11.28
N ALA A 94 20.58 1.12 12.51
CA ALA A 94 20.46 -0.29 12.80
C ALA A 94 19.34 -0.93 12.00
N GLU A 95 18.22 -0.22 11.85
CA GLU A 95 17.08 -0.79 11.14
C GLU A 95 17.38 -0.89 9.65
N ASP A 96 18.04 0.11 9.08
CA ASP A 96 18.38 0.05 7.65
C ASP A 96 19.34 -1.09 7.38
N LYS A 97 20.32 -1.28 8.27
CA LYS A 97 21.30 -2.35 8.13
C LYS A 97 20.62 -3.71 8.03
N GLU A 98 19.56 -3.90 8.83
CA GLU A 98 18.84 -5.17 8.80
C GLU A 98 17.93 -5.25 7.59
N ARG A 99 17.31 -4.13 7.23
CA ARG A 99 16.38 -4.13 6.10
C ARG A 99 17.08 -4.46 4.80
N ILE A 100 18.30 -3.94 4.59
CA ILE A 100 18.98 -4.20 3.33
C ILE A 100 19.31 -5.67 3.15
N LYS A 101 19.39 -6.44 4.24
CA LYS A 101 19.68 -7.86 4.13
C LYS A 101 18.58 -8.62 3.41
N LEU A 102 17.36 -8.13 3.49
CA LEU A 102 16.20 -8.75 2.89
C LEU A 102 15.99 -8.33 1.45
N ALA A 103 16.58 -7.21 1.00
CA ALA A 103 16.11 -6.55 -0.21
C ALA A 103 16.38 -7.36 -1.47
N LYS A 104 17.61 -7.89 -1.65
CA LYS A 104 17.91 -8.61 -2.88
C LYS A 104 17.07 -9.88 -2.97
N MET A 105 16.89 -10.58 -1.86
CA MET A 105 16.14 -11.81 -1.97
C MET A 105 14.65 -11.59 -2.07
N TYR A 106 14.15 -10.46 -1.57
CA TYR A 106 12.70 -10.16 -1.56
C TYR A 106 12.49 -8.73 -1.98
N PRO A 107 12.56 -8.44 -3.30
CA PRO A 107 12.40 -7.07 -3.76
C PRO A 107 11.02 -6.52 -3.45
N GLN A 108 11.00 -5.31 -2.91
CA GLN A 108 9.80 -4.59 -2.53
C GLN A 108 10.12 -3.13 -2.85
N TYR A 109 9.48 -2.57 -3.87
CA TYR A 109 9.87 -1.24 -4.32
C TYR A 109 8.71 -0.52 -4.99
N TYR A 110 8.56 0.74 -4.65
CA TYR A 110 7.73 1.66 -5.42
C TYR A 110 8.51 2.20 -6.60
N HIS A 111 7.80 2.36 -7.72
CA HIS A 111 8.41 2.89 -8.92
C HIS A 111 7.34 3.68 -9.68
N HIS A 112 7.33 4.99 -9.50
CA HIS A 112 6.41 5.89 -10.20
C HIS A 112 4.97 5.62 -9.79
N VAL A 113 4.05 5.84 -10.72
CA VAL A 113 2.62 5.84 -10.44
C VAL A 113 1.88 5.19 -11.60
N ASP A 114 0.62 4.83 -11.35
CA ASP A 114 -0.24 4.40 -12.44
C ASP A 114 -0.85 5.60 -13.17
N LYS A 115 -1.69 5.33 -14.16
CA LYS A 115 -2.24 6.39 -15.00
C LYS A 115 -3.10 7.35 -14.22
N ASP A 116 -3.67 6.90 -13.11
CA ASP A 116 -4.53 7.75 -12.29
C ASP A 116 -3.77 8.43 -11.18
N GLY A 117 -2.48 8.21 -11.09
CA GLY A 117 -1.66 8.85 -10.09
C GLY A 117 -1.38 8.07 -8.84
N ARG A 118 -1.87 6.82 -8.73
CA ARG A 118 -1.63 6.01 -7.53
C ARG A 118 -0.16 5.60 -7.46
N PRO A 119 0.44 5.61 -6.28
CA PRO A 119 1.74 4.96 -6.13
C PRO A 119 1.73 3.54 -6.68
N LEU A 120 2.77 3.23 -7.45
CA LEU A 120 2.92 1.95 -8.12
C LEU A 120 3.95 1.11 -7.37
N TYR A 121 3.53 -0.03 -6.84
CA TYR A 121 4.34 -0.83 -5.92
C TYR A 121 4.54 -2.24 -6.48
N PHE A 122 5.80 -2.68 -6.50
CA PHE A 122 6.19 -3.98 -7.01
C PHE A 122 6.75 -4.85 -5.88
N GLU A 123 6.41 -6.12 -5.90
CA GLU A 123 7.14 -7.11 -5.11
C GLU A 123 7.50 -8.28 -6.00
N GLU A 124 8.66 -8.88 -5.75
CA GLU A 124 9.10 -10.06 -6.49
C GLU A 124 9.35 -11.17 -5.46
N LEU A 125 8.70 -12.31 -5.62
CA LEU A 125 8.76 -13.37 -4.61
C LEU A 125 9.56 -14.59 -5.03
N GLY A 126 9.98 -14.71 -6.29
CA GLY A 126 10.58 -15.94 -6.79
C GLY A 126 12.01 -16.18 -6.34
N GLY A 127 12.64 -15.18 -5.75
CA GLY A 127 13.99 -15.30 -5.24
C GLY A 127 14.04 -15.67 -3.78
N ILE A 128 12.88 -15.76 -3.14
CA ILE A 128 12.86 -16.11 -1.72
C ILE A 128 13.21 -17.58 -1.53
N ASN A 129 14.23 -17.84 -0.72
CA ASN A 129 14.50 -19.15 -0.15
C ASN A 129 14.11 -19.05 1.32
N LEU A 130 13.09 -19.81 1.75
CA LEU A 130 12.51 -19.54 3.07
C LEU A 130 13.52 -19.78 4.18
N LYS A 131 14.29 -20.86 4.10
CA LYS A 131 15.33 -21.13 5.10
C LYS A 131 16.31 -19.96 5.21
N LYS A 132 16.76 -19.43 4.07
CA LYS A 132 17.71 -18.32 4.12
C LYS A 132 17.06 -17.06 4.65
N MET A 133 15.82 -16.79 4.24
CA MET A 133 15.13 -15.59 4.67
C MET A 133 14.99 -15.59 6.18
N TYR A 134 14.60 -16.70 6.77
CA TYR A 134 14.34 -16.69 8.19
C TYR A 134 15.62 -16.65 9.01
N LYS A 135 16.80 -16.68 8.38
CA LYS A 135 18.04 -16.37 9.08
C LYS A 135 18.25 -14.88 9.27
N ILE A 136 17.60 -14.04 8.47
CA ILE A 136 17.82 -12.60 8.55
C ILE A 136 16.58 -11.80 8.93
N THR A 137 15.42 -12.44 9.07
CA THR A 137 14.20 -11.74 9.46
C THR A 137 13.31 -12.75 10.16
N THR A 138 12.27 -12.24 10.83
CA THR A 138 11.21 -13.08 11.36
C THR A 138 9.91 -12.67 10.67
N GLU A 139 8.88 -13.52 10.84
CA GLU A 139 7.58 -13.20 10.26
C GLU A 139 7.03 -11.91 10.84
N LYS A 140 7.14 -11.73 12.17
CA LYS A 140 6.55 -10.53 12.74
C LYS A 140 7.35 -9.28 12.41
N GLN A 141 8.63 -9.43 12.14
CA GLN A 141 9.44 -8.32 11.65
C GLN A 141 8.97 -7.89 10.26
N MET A 142 8.69 -8.85 9.39
CA MET A 142 8.18 -8.53 8.06
C MET A 142 6.82 -7.86 8.15
N LEU A 143 5.98 -8.31 9.08
CA LEU A 143 4.68 -7.67 9.27
C LEU A 143 4.86 -6.23 9.73
N ARG A 144 5.79 -5.98 10.64
CA ARG A 144 6.01 -4.61 11.10
C ARG A 144 6.61 -3.75 10.00
N ASN A 145 7.47 -4.32 9.13
CA ASN A 145 7.94 -3.57 7.97
C ASN A 145 6.76 -3.14 7.13
N LEU A 146 5.78 -4.00 6.97
CA LEU A 146 4.63 -3.67 6.14
C LEU A 146 3.78 -2.57 6.77
N VAL A 147 3.54 -2.64 8.09
CA VAL A 147 2.81 -1.56 8.75
C VAL A 147 3.58 -0.26 8.66
N LYS A 148 4.89 -0.28 8.83
CA LYS A 148 5.66 0.95 8.67
C LYS A 148 5.47 1.52 7.27
N GLU A 149 5.47 0.66 6.25
CA GLU A 149 5.22 1.15 4.91
C GLU A 149 3.83 1.73 4.79
N TYR A 150 2.82 1.11 5.38
CA TYR A 150 1.48 1.69 5.31
C TYR A 150 1.48 3.09 5.88
N GLU A 151 2.25 3.32 6.94
CA GLU A 151 2.30 4.64 7.53
C GLU A 151 3.10 5.60 6.67
N LEU A 152 4.17 5.12 6.02
CA LEU A 152 4.91 5.99 5.08
C LEU A 152 4.05 6.34 3.88
N PHE A 153 3.26 5.39 3.43
CA PHE A 153 2.33 5.61 2.32
C PHE A 153 1.39 6.74 2.66
N ALA A 154 0.77 6.68 3.82
CA ALA A 154 -0.22 7.70 4.21
C ALA A 154 0.44 9.05 4.47
N THR A 155 1.65 9.06 5.03
CA THR A 155 2.30 10.28 5.53
C THR A 155 3.01 11.02 4.41
N TYR A 156 3.60 10.31 3.45
CA TYR A 156 4.48 10.89 2.43
C TYR A 156 4.02 10.65 1.02
N ARG A 157 3.57 9.43 0.72
CA ARG A 157 3.26 9.13 -0.67
C ARG A 157 1.92 9.72 -1.09
N VAL A 158 0.92 9.59 -0.24
CA VAL A 158 -0.39 10.18 -0.52
C VAL A 158 -0.30 11.68 -0.70
N PRO A 159 0.30 12.45 0.19
CA PRO A 159 0.35 13.89 -0.03
C PRO A 159 1.02 14.26 -1.35
N ALA A 160 2.17 13.66 -1.66
CA ALA A 160 2.91 14.04 -2.85
C ALA A 160 2.14 13.66 -4.10
N CYS A 161 1.57 12.46 -4.12
CA CYS A 161 0.84 12.03 -5.31
C CYS A 161 -0.42 12.85 -5.49
N SER A 162 -1.05 13.26 -4.39
CA SER A 162 -2.25 14.09 -4.49
C SER A 162 -1.91 15.49 -5.01
N ARG A 163 -0.83 16.09 -4.52
CA ARG A 163 -0.42 17.38 -5.06
C ARG A 163 -0.09 17.28 -6.53
N ARG A 164 0.56 16.19 -6.93
CA ARG A 164 0.87 16.00 -8.35
C ARG A 164 -0.39 15.90 -9.20
N ALA A 165 -1.36 15.11 -8.76
CA ALA A 165 -2.55 14.84 -9.56
C ALA A 165 -3.52 16.00 -9.51
N GLY A 166 -3.43 16.86 -8.49
CA GLY A 166 -4.43 17.89 -8.29
C GLY A 166 -5.72 17.41 -7.66
N TYR A 167 -5.73 16.17 -7.17
CA TYR A 167 -6.88 15.57 -6.52
C TYR A 167 -6.37 14.52 -5.56
N LEU A 168 -7.19 14.15 -4.59
CA LEU A 168 -6.80 13.19 -3.58
C LEU A 168 -6.56 11.82 -4.18
N ILE A 169 -5.39 11.26 -3.88
CA ILE A 169 -5.00 9.89 -4.20
C ILE A 169 -4.94 9.16 -2.88
N GLU A 170 -5.79 8.13 -2.73
CA GLU A 170 -5.95 7.38 -1.48
C GLU A 170 -5.46 5.96 -1.56
N THR A 171 -5.13 5.45 -2.74
CA THR A 171 -5.00 4.02 -2.95
C THR A 171 -3.72 3.69 -3.71
N ILE A 172 -3.38 2.40 -3.66
CA ILE A 172 -2.14 1.88 -4.24
C ILE A 172 -2.45 0.98 -5.44
N CYS A 173 -1.51 0.94 -6.39
CA CYS A 173 -1.53 0.00 -7.51
C CYS A 173 -0.40 -0.98 -7.28
N ILE A 174 -0.72 -2.27 -7.16
CA ILE A 174 0.28 -3.29 -6.82
C ILE A 174 0.52 -4.22 -8.00
N VAL A 175 1.79 -4.58 -8.21
CA VAL A 175 2.20 -5.63 -9.14
C VAL A 175 3.03 -6.62 -8.36
N LEU A 176 2.54 -7.83 -8.22
CA LEU A 176 3.20 -8.91 -7.48
C LEU A 176 3.71 -9.92 -8.50
N ASP A 177 5.02 -10.08 -8.58
CA ASP A 177 5.69 -10.99 -9.52
C ASP A 177 5.99 -12.31 -8.80
N LEU A 178 5.32 -13.38 -9.24
CA LEU A 178 5.46 -14.70 -8.65
C LEU A 178 6.29 -15.65 -9.50
N LYS A 179 7.09 -15.13 -10.42
CA LYS A 179 7.89 -16.01 -11.27
C LYS A 179 8.77 -16.87 -10.40
N GLY A 180 8.64 -18.17 -10.55
CA GLY A 180 9.53 -19.10 -9.90
C GLY A 180 9.11 -19.58 -8.53
N ILE A 181 7.97 -19.12 -8.00
CA ILE A 181 7.58 -19.60 -6.66
C ILE A 181 7.13 -21.05 -6.73
N SER A 182 7.14 -21.68 -5.56
CA SER A 182 6.57 -23.00 -5.34
C SER A 182 5.24 -22.84 -4.63
N LEU A 183 4.21 -23.54 -5.11
CA LEU A 183 2.90 -23.48 -4.45
C LEU A 183 2.90 -24.15 -3.08
N SER A 184 3.79 -25.12 -2.85
CA SER A 184 3.92 -25.66 -1.50
C SER A 184 4.52 -24.62 -0.55
N ASN A 185 5.46 -23.81 -1.03
CA ASN A 185 5.97 -22.72 -0.20
C ASN A 185 4.86 -21.72 0.09
N ALA A 186 4.05 -21.39 -0.91
CA ALA A 186 2.93 -20.48 -0.68
C ALA A 186 2.01 -21.02 0.42
N TYR A 187 1.74 -22.31 0.39
CA TYR A 187 0.92 -22.95 1.41
C TYR A 187 1.58 -22.83 2.77
N HIS A 188 2.90 -23.01 2.80
CA HIS A 188 3.66 -22.97 4.05
CA HIS A 188 3.61 -22.97 4.07
C HIS A 188 3.62 -21.60 4.70
N VAL A 189 3.45 -20.52 3.91
CA VAL A 189 3.40 -19.17 4.46
C VAL A 189 1.98 -18.62 4.54
N LEU A 190 0.97 -19.49 4.44
CA LEU A 190 -0.41 -19.01 4.52
C LEU A 190 -0.68 -18.31 5.84
N SER A 191 -0.08 -18.74 6.95
CA SER A 191 -0.36 -18.03 8.20
C SER A 191 0.17 -16.61 8.17
N TYR A 192 1.30 -16.36 7.50
CA TYR A 192 1.81 -15.01 7.33
C TYR A 192 0.89 -14.19 6.44
N ILE A 193 0.43 -14.78 5.34
CA ILE A 193 -0.52 -14.08 4.48
C ILE A 193 -1.77 -13.72 5.27
N LYS A 194 -2.24 -14.62 6.12
CA LYS A 194 -3.41 -14.34 6.95
C LYS A 194 -3.17 -13.17 7.89
N ASP A 195 -1.98 -13.12 8.51
CA ASP A 195 -1.64 -12.00 9.38
C ASP A 195 -1.61 -10.69 8.61
N VAL A 196 -1.01 -10.69 7.42
CA VAL A 196 -1.05 -9.51 6.56
C VAL A 196 -2.48 -9.12 6.25
N ALA A 197 -3.30 -10.10 5.86
CA ALA A 197 -4.67 -9.80 5.46
C ALA A 197 -5.47 -9.24 6.62
N ASP A 198 -5.30 -9.81 7.82
CA ASP A 198 -6.06 -9.36 8.98
C ASP A 198 -5.77 -7.90 9.30
N ILE A 199 -4.48 -7.54 9.37
CA ILE A 199 -4.16 -6.15 9.68
C ILE A 199 -4.66 -5.24 8.57
N SER A 200 -4.41 -5.64 7.33
CA SER A 200 -4.73 -4.79 6.19
C SER A 200 -6.24 -4.60 6.04
N GLN A 201 -7.01 -5.69 6.11
CA GLN A 201 -8.45 -5.61 5.96
C GLN A 201 -9.08 -4.81 7.07
N ASN A 202 -8.62 -5.02 8.30
CA ASN A 202 -9.33 -4.46 9.45
C ASN A 202 -8.90 -3.06 9.80
N TYR A 203 -7.65 -2.69 9.54
CA TYR A 203 -7.09 -1.42 10.03
C TYR A 203 -6.68 -0.48 8.91
N TYR A 204 -6.69 -0.94 7.66
CA TYR A 204 -6.30 -0.12 6.51
C TYR A 204 -7.36 -0.22 5.41
N PRO A 205 -8.63 0.05 5.74
CA PRO A 205 -9.70 -0.11 4.75
C PRO A 205 -9.53 0.81 3.56
N GLU A 206 -9.93 0.28 2.39
CA GLU A 206 -10.09 1.06 1.17
C GLU A 206 -8.79 1.71 0.74
N ARG A 207 -7.67 1.06 1.01
CA ARG A 207 -6.37 1.49 0.50
C ARG A 207 -5.97 0.77 -0.77
N MET A 208 -6.63 -0.31 -1.14
CA MET A 208 -6.23 -1.05 -2.33
C MET A 208 -6.93 -0.50 -3.55
N GLY A 209 -6.15 -0.14 -4.56
CA GLY A 209 -6.70 0.35 -5.80
C GLY A 209 -6.83 -0.78 -6.81
N LYS A 210 -5.70 -1.36 -7.16
CA LYS A 210 -5.62 -2.44 -8.14
C LYS A 210 -4.47 -3.34 -7.72
N PHE A 211 -4.62 -4.65 -7.93
CA PHE A 211 -3.64 -5.63 -7.48
C PHE A 211 -3.46 -6.67 -8.58
N TYR A 212 -2.36 -6.55 -9.30
CA TYR A 212 -2.03 -7.48 -10.38
C TYR A 212 -1.06 -8.52 -9.87
N ILE A 213 -1.29 -9.77 -10.25
CA ILE A 213 -0.39 -10.88 -9.96
C ILE A 213 0.09 -11.43 -11.30
N ILE A 214 1.40 -11.38 -11.53
CA ILE A 214 2.01 -11.74 -12.80
C ILE A 214 2.99 -12.89 -12.62
N HIS A 215 3.21 -13.63 -13.72
CA HIS A 215 4.14 -14.75 -13.73
C HIS A 215 3.79 -15.83 -12.71
N SER A 216 2.53 -15.97 -12.36
CA SER A 216 2.20 -16.97 -11.35
C SER A 216 2.23 -18.37 -11.96
N PRO A 217 2.54 -19.39 -11.14
CA PRO A 217 2.46 -20.76 -11.62
C PRO A 217 1.08 -21.08 -12.18
N PHE A 218 1.04 -22.08 -13.05
CA PHE A 218 -0.21 -22.48 -13.70
C PHE A 218 -1.31 -22.75 -12.68
N GLY A 219 -0.98 -23.39 -11.56
CA GLY A 219 -1.95 -23.67 -10.52
C GLY A 219 -2.20 -22.58 -9.51
N PHE A 220 -1.63 -21.38 -9.68
CA PHE A 220 -1.80 -20.37 -8.65
C PHE A 220 -3.25 -19.90 -8.54
N SER A 221 -3.94 -19.74 -9.66
CA SER A 221 -5.31 -19.23 -9.57
C SER A 221 -6.16 -20.09 -8.64
N THR A 222 -5.97 -21.41 -8.67
CA THR A 222 -6.75 -22.25 -7.78
C THR A 222 -6.14 -22.32 -6.38
N MET A 223 -4.82 -22.27 -6.27
CA MET A 223 -4.22 -22.18 -4.95
C MET A 223 -4.72 -20.94 -4.22
N PHE A 224 -4.96 -19.84 -4.96
CA PHE A 224 -5.41 -18.58 -4.38
C PHE A 224 -6.77 -18.72 -3.71
N LYS A 225 -7.55 -19.73 -4.05
CA LYS A 225 -8.80 -19.95 -3.32
C LYS A 225 -8.56 -20.22 -1.85
N MET A 226 -7.33 -20.58 -1.43
CA MET A 226 -7.00 -20.69 -0.01
C MET A 226 -6.77 -19.36 0.65
N VAL A 227 -6.52 -18.31 -0.14
CA VAL A 227 -6.33 -16.98 0.41
C VAL A 227 -7.64 -16.21 0.48
N LYS A 228 -8.56 -16.47 -0.45
CA LYS A 228 -9.78 -15.69 -0.54
C LYS A 228 -10.58 -15.60 0.76
N PRO A 229 -10.64 -16.64 1.61
CA PRO A 229 -11.42 -16.52 2.86
C PRO A 229 -10.88 -15.45 3.78
N PHE A 230 -9.62 -15.05 3.62
CA PHE A 230 -9.04 -14.00 4.43
C PHE A 230 -9.39 -12.62 3.92
N LEU A 231 -10.00 -12.51 2.75
CA LEU A 231 -10.24 -11.25 2.06
C LEU A 231 -11.74 -11.07 1.80
N ASP A 232 -12.15 -9.86 1.83
CA ASP A 232 -13.54 -9.54 1.50
C ASP A 232 -13.74 -9.60 -0.02
N PRO A 233 -14.95 -9.94 -0.48
CA PRO A 233 -15.19 -9.93 -1.93
C PRO A 233 -14.85 -8.65 -2.64
N VAL A 234 -15.02 -7.49 -2.00
CA VAL A 234 -14.62 -6.24 -2.65
C VAL A 234 -13.13 -6.26 -2.95
N THR A 235 -12.32 -6.71 -1.99
CA THR A 235 -10.88 -6.78 -2.23
C THR A 235 -10.54 -7.78 -3.33
N VAL A 236 -11.19 -8.94 -3.31
CA VAL A 236 -10.94 -9.95 -4.34
C VAL A 236 -11.26 -9.40 -5.72
N SER A 237 -12.29 -8.56 -5.82
CA SER A 237 -12.66 -8.02 -7.12
C SER A 237 -11.62 -7.11 -7.72
N LYS A 238 -10.64 -6.67 -6.94
CA LYS A 238 -9.57 -5.80 -7.37
C LYS A 238 -8.27 -6.56 -7.67
N ILE A 239 -8.29 -7.88 -7.56
CA ILE A 239 -7.11 -8.72 -7.76
C ILE A 239 -7.24 -9.39 -9.11
N PHE A 240 -6.23 -9.22 -9.94
CA PHE A 240 -6.23 -9.73 -11.31
C PHE A 240 -5.00 -10.61 -11.52
N ILE A 241 -5.24 -11.89 -11.71
CA ILE A 241 -4.16 -12.85 -11.94
C ILE A 241 -3.99 -12.94 -13.45
N LEU A 242 -2.85 -12.48 -13.96
CA LEU A 242 -2.66 -12.31 -15.39
C LEU A 242 -1.85 -13.45 -15.99
N GLY A 243 -2.12 -13.74 -17.27
CA GLY A 243 -1.45 -14.79 -18.02
C GLY A 243 -0.31 -14.26 -18.87
N SER A 244 -0.01 -14.97 -19.96
CA SER A 244 1.17 -14.64 -20.75
C SER A 244 1.06 -13.30 -21.48
N SER A 245 -0.14 -12.76 -21.67
CA SER A 245 -0.34 -11.45 -22.29
C SER A 245 -0.32 -10.30 -21.28
N TYR A 246 0.29 -10.50 -20.12
CA TYR A 246 0.19 -9.53 -19.04
C TYR A 246 0.80 -8.16 -19.36
N LYS A 247 1.81 -8.08 -20.22
CA LYS A 247 2.47 -6.78 -20.39
C LYS A 247 1.50 -5.74 -20.92
N LYS A 248 0.77 -6.08 -21.97
CA LYS A 248 -0.20 -5.14 -22.51
C LYS A 248 -1.33 -4.88 -21.53
N GLU A 249 -1.65 -5.84 -20.65
CA GLU A 249 -2.69 -5.62 -19.67
C GLU A 249 -2.24 -4.58 -18.65
N LEU A 250 -1.00 -4.66 -18.18
CA LEU A 250 -0.47 -3.65 -17.28
C LEU A 250 -0.47 -2.29 -17.92
N LEU A 251 -0.19 -2.21 -19.23
CA LEU A 251 -0.13 -0.93 -19.91
C LEU A 251 -1.48 -0.25 -20.06
N LYS A 252 -2.60 -0.97 -19.89
CA LYS A 252 -3.89 -0.28 -19.80
C LYS A 252 -3.96 0.61 -18.58
N GLN A 253 -3.24 0.26 -17.53
CA GLN A 253 -3.34 0.92 -16.24
C GLN A 253 -2.15 1.80 -15.91
N ILE A 254 -1.01 1.59 -16.55
CA ILE A 254 0.26 2.19 -16.14
C ILE A 254 0.93 2.80 -17.36
N PRO A 255 1.41 4.05 -17.30
CA PRO A 255 2.14 4.63 -18.43
C PRO A 255 3.36 3.80 -18.77
N ILE A 256 3.60 3.63 -20.08
CA ILE A 256 4.72 2.80 -20.51
C ILE A 256 6.04 3.30 -19.92
N GLU A 257 6.20 4.62 -19.81
CA GLU A 257 7.45 5.18 -19.32
C GLU A 257 7.63 4.99 -17.83
N ASN A 258 6.59 4.53 -17.12
CA ASN A 258 6.65 4.30 -15.70
C ASN A 258 6.87 2.84 -15.36
N LEU A 259 6.76 1.96 -16.30
CA LEU A 259 6.82 0.53 -16.07
C LEU A 259 8.21 0.02 -16.40
N PRO A 260 8.86 -0.74 -15.52
CA PRO A 260 10.18 -1.29 -15.85
C PRO A 260 10.17 -2.07 -17.16
N VAL A 261 11.32 -2.04 -17.84
CA VAL A 261 11.48 -2.76 -19.10
C VAL A 261 11.08 -4.23 -18.93
N LYS A 262 11.48 -4.84 -17.81
CA LYS A 262 11.25 -6.28 -17.68
C LYS A 262 9.78 -6.63 -17.56
N TYR A 263 8.92 -5.66 -17.29
CA TYR A 263 7.49 -5.90 -17.19
C TYR A 263 6.71 -5.27 -18.33
N GLY A 264 7.39 -4.82 -19.38
CA GLY A 264 6.72 -4.33 -20.57
C GLY A 264 6.88 -2.87 -20.87
N GLY A 265 7.56 -2.09 -20.02
CA GLY A 265 7.65 -0.66 -20.22
C GLY A 265 9.01 -0.22 -20.73
N THR A 266 9.28 1.08 -20.53
CA THR A 266 10.53 1.66 -20.96
C THR A 266 11.32 2.31 -19.83
N SER A 267 10.90 2.11 -18.59
CA SER A 267 11.59 2.72 -17.46
C SER A 267 12.91 2.02 -17.15
N VAL A 268 13.96 2.83 -17.05
CA VAL A 268 15.31 2.39 -16.73
C VAL A 268 15.82 3.33 -15.65
N LEU A 269 16.49 2.78 -14.66
CA LEU A 269 17.09 3.62 -13.63
C LEU A 269 18.18 4.50 -14.22
N HIS A 270 18.33 5.70 -13.63
CA HIS A 270 19.26 6.68 -14.19
C HIS A 270 20.67 6.13 -14.32
N ASN A 271 21.12 5.40 -13.31
CA ASN A 271 22.33 4.61 -13.39
C ASN A 271 21.85 3.20 -13.66
N PRO A 272 22.03 2.66 -14.87
CA PRO A 272 21.44 1.35 -15.16
C PRO A 272 22.07 0.19 -14.40
N ASN A 273 23.17 0.42 -13.68
CA ASN A 273 23.75 -0.60 -12.82
C ASN A 273 23.06 -0.68 -11.48
N ASP A 274 22.22 0.28 -11.15
CA ASP A 274 21.49 0.26 -9.89
C ASP A 274 20.42 -0.83 -9.91
N LYS A 275 19.95 -1.19 -8.74
CA LYS A 275 18.98 -2.27 -8.59
C LYS A 275 17.61 -1.74 -8.16
N PHE A 276 16.55 -2.27 -8.79
CA PHE A 276 15.20 -1.90 -8.38
C PHE A 276 14.94 -2.24 -6.92
N TYR A 277 15.56 -3.31 -6.40
CA TYR A 277 15.25 -3.69 -5.04
C TYR A 277 15.84 -2.74 -3.99
N TYR A 278 16.64 -1.76 -4.39
CA TYR A 278 17.08 -0.69 -3.50
C TYR A 278 16.41 0.64 -3.85
N SER A 279 15.41 0.63 -4.72
CA SER A 279 14.90 1.88 -5.27
C SER A 279 13.57 2.31 -4.65
N ASP A 280 13.33 3.63 -4.75
CA ASP A 280 12.13 4.26 -4.21
C ASP A 280 11.82 5.55 -4.95
N ILE A 281 11.47 5.44 -6.22
CA ILE A 281 11.31 6.56 -7.13
C ILE A 281 9.84 6.87 -7.29
N GLY A 282 9.49 8.15 -7.22
CA GLY A 282 8.12 8.57 -7.48
C GLY A 282 7.91 10.03 -7.06
N PRO A 283 6.66 10.51 -7.07
CA PRO A 283 6.40 11.94 -6.82
C PRO A 283 6.83 12.41 -5.44
N TRP A 284 6.92 11.50 -4.47
CA TRP A 284 7.43 11.81 -3.14
C TRP A 284 8.94 12.11 -3.14
N ARG A 285 9.58 12.05 -4.31
CA ARG A 285 10.97 12.46 -4.50
C ARG A 285 11.06 13.73 -5.35
N ASP A 286 9.92 14.32 -5.68
CA ASP A 286 9.89 15.52 -6.53
C ASP A 286 9.71 16.71 -5.62
N PRO A 287 10.66 17.64 -5.53
CA PRO A 287 10.50 18.76 -4.59
C PRO A 287 9.26 19.58 -4.81
N ARG A 288 8.67 19.59 -6.01
CA ARG A 288 7.44 20.33 -6.22
C ARG A 288 6.31 19.78 -5.38
N TYR A 289 6.33 18.49 -5.10
CA TYR A 289 5.20 17.80 -4.49
C TYR A 289 5.45 17.37 -3.07
N ILE A 290 6.65 17.55 -2.56
CA ILE A 290 6.96 17.34 -1.15
C ILE A 290 6.51 18.59 -0.40
N GLY A 291 5.73 18.38 0.66
CA GLY A 291 5.16 19.49 1.38
C GLY A 291 5.75 19.65 2.77
N PRO A 292 4.97 20.22 3.69
CA PRO A 292 5.49 20.48 5.03
C PRO A 292 5.81 19.23 5.81
N GLU A 293 5.30 18.07 5.39
CA GLU A 293 5.66 16.81 6.02
C GLU A 293 7.13 16.47 5.83
N GLY A 294 7.80 17.11 4.88
CA GLY A 294 9.16 16.80 4.53
C GLY A 294 9.25 15.54 3.70
N GLU A 295 10.49 15.21 3.33
CA GLU A 295 10.73 14.05 2.47
C GLU A 295 10.76 12.74 3.24
N ILE A 296 10.20 11.73 2.60
CA ILE A 296 10.18 10.36 3.11
C ILE A 296 11.59 9.93 3.49
N PRO A 297 11.76 9.19 4.58
CA PRO A 297 13.07 8.61 4.90
C PRO A 297 13.42 7.52 3.92
N ASN A 298 14.69 7.26 3.80
CA ASN A 298 15.24 6.32 2.83
C ASN A 298 15.45 4.96 3.47
N ILE A 299 14.58 4.01 3.12
CA ILE A 299 14.49 2.72 3.82
C ILE A 299 15.66 1.79 3.55
N PHE A 300 16.45 2.07 2.52
CA PHE A 300 17.66 1.28 2.24
C PHE A 300 18.92 2.06 2.59
N GLY A 301 18.79 3.11 3.40
CA GLY A 301 19.95 3.84 3.85
C GLY A 301 20.72 4.41 2.68
N LYS A 302 22.05 4.36 2.75
CA LYS A 302 22.89 4.91 1.71
C LYS A 302 22.77 4.15 0.40
N PHE A 303 22.10 3.01 0.38
CA PHE A 303 21.91 2.26 -0.85
C PHE A 303 20.65 2.65 -1.58
N THR A 304 19.83 3.54 -1.01
CA THR A 304 18.55 3.87 -1.61
C THR A 304 18.76 4.58 -2.94
N VAL A 305 18.06 4.12 -3.97
CA VAL A 305 18.13 4.66 -5.31
C VAL A 305 16.88 5.49 -5.53
N THR A 306 17.05 6.79 -5.76
CA THR A 306 15.91 7.71 -5.85
C THR A 306 15.84 8.38 -7.21
N SER A 307 16.63 7.94 -8.19
CA SER A 307 16.52 8.31 -9.59
C SER A 307 16.89 7.09 -10.47
#